data_7RGE
#
_entry.id   7RGE
#
_cell.length_a   109.508
_cell.length_b   132.000
_cell.length_c   44.617
_cell.angle_alpha   90.000
_cell.angle_beta   90.000
_cell.angle_gamma   90.000
#
_symmetry.space_group_name_H-M   'C 2 2 21'
#
loop_
_entity.id
_entity.type
_entity.pdbx_description
1 polymer "3'-phosphoadenylylsulfate reductase"
2 non-polymer GLYCEROL
3 non-polymer 'PHOSPHATE ION'
4 water water
#
_entity_poly.entity_id   1
_entity_poly.type   'polypeptide(L)'
_entity_poly.pdbx_seq_one_letter_code
;GSISLSQEHIDHLNKTLVELSPQEVLRWAVVTFPNLYQTTAFGLTGLVILDMISKTKPVDLIFIDTLHHFPQTYDLVRKV
AAAYQPTLHIYKPKGVESEEEFAKKHGDSLWESNDDLYDFLVKVEPAQRAYKELGVNAVLTGRRKSQGGARAALPVIEVE
ESSGIIKINPLWNWDFAQVKAYITENAVPYNELLDLGYKSIGDWHSTVAVADGEDERSGRWKGKAKTECGIHETSRFAQY
LASTSS
;
_entity_poly.pdbx_strand_id   A
#
# COMPACT_ATOMS: atom_id res chain seq x y z
N GLY A 1 22.38 2.68 -1.34
CA GLY A 1 22.18 3.18 -2.68
C GLY A 1 20.76 3.07 -3.19
N SER A 2 20.39 3.94 -4.12
CA SER A 2 19.06 3.96 -4.70
C SER A 2 19.16 3.94 -6.22
N ILE A 3 18.12 3.44 -6.88
CA ILE A 3 18.16 3.16 -8.31
C ILE A 3 17.52 4.32 -9.06
N SER A 4 18.24 4.82 -10.06
CA SER A 4 17.81 5.97 -10.85
C SER A 4 17.57 5.53 -12.28
N LEU A 5 16.37 5.79 -12.78
CA LEU A 5 15.99 5.46 -14.15
C LEU A 5 16.03 6.74 -14.98
N SER A 6 16.63 6.66 -16.16
CA SER A 6 16.61 7.79 -17.07
C SER A 6 15.19 8.05 -17.55
N GLN A 7 14.89 9.32 -17.81
CA GLN A 7 13.53 9.68 -18.23
C GLN A 7 13.16 9.00 -19.55
N GLU A 8 14.11 8.92 -20.48
CA GLU A 8 13.87 8.17 -21.71
C GLU A 8 13.64 6.68 -21.42
N HIS A 9 14.19 6.17 -20.31
CA HIS A 9 13.99 4.78 -19.94
C HIS A 9 12.62 4.58 -19.28
N ILE A 10 12.21 5.51 -18.41
CA ILE A 10 10.88 5.45 -17.84
C ILE A 10 9.83 5.47 -18.94
N ASP A 11 10.08 6.24 -19.99
CA ASP A 11 9.09 6.37 -21.08
C ASP A 11 8.95 5.07 -21.86
N HIS A 12 10.07 4.36 -22.08
CA HIS A 12 9.99 3.09 -22.79
C HIS A 12 9.18 2.06 -22.03
N LEU A 13 9.37 1.98 -20.71
CA LEU A 13 8.66 0.98 -19.92
C LEU A 13 7.16 1.23 -19.91
N ASN A 14 6.73 2.48 -19.82
CA ASN A 14 5.30 2.78 -19.83
C ASN A 14 4.64 2.46 -21.16
N LYS A 15 5.39 2.25 -22.24
CA LYS A 15 4.79 1.84 -23.49
C LYS A 15 4.72 0.32 -23.63
N THR A 16 5.66 -0.41 -23.04
CA THR A 16 5.66 -1.87 -23.14
C THR A 16 4.94 -2.56 -22.00
N LEU A 17 4.95 -1.98 -20.79
CA LEU A 17 4.38 -2.65 -19.64
C LEU A 17 2.85 -2.69 -19.69
N VAL A 18 2.24 -1.85 -20.52
CA VAL A 18 0.78 -1.84 -20.62
C VAL A 18 0.24 -3.03 -21.40
N GLU A 19 1.10 -3.73 -22.16
CA GLU A 19 0.67 -4.93 -22.86
C GLU A 19 0.71 -6.18 -21.98
N LEU A 20 1.14 -6.05 -20.73
CA LEU A 20 1.25 -7.21 -19.86
C LEU A 20 0.07 -7.29 -18.90
N SER A 21 -0.30 -8.52 -18.55
CA SER A 21 -1.17 -8.75 -17.42
C SER A 21 -0.50 -8.19 -16.16
N PRO A 22 -1.30 -7.80 -15.16
CA PRO A 22 -0.70 -7.42 -13.87
C PRO A 22 0.18 -8.51 -13.28
N GLN A 23 -0.18 -9.78 -13.52
CA GLN A 23 0.67 -10.88 -13.05
C GLN A 23 2.04 -10.83 -13.71
N GLU A 24 2.09 -10.47 -15.00
CA GLU A 24 3.36 -10.36 -15.69
C GLU A 24 4.13 -9.12 -15.27
N VAL A 25 3.43 -8.04 -14.92
CA VAL A 25 4.10 -6.86 -14.40
C VAL A 25 4.76 -7.18 -13.06
N LEU A 26 4.13 -8.03 -12.25
CA LEU A 26 4.69 -8.38 -10.95
C LEU A 26 5.96 -9.21 -11.10
N ARG A 27 5.90 -10.27 -11.92
CA ARG A 27 7.10 -11.07 -12.19
C ARG A 27 8.22 -10.19 -12.74
N TRP A 28 7.89 -9.26 -13.63
CA TRP A 28 8.89 -8.37 -14.20
C TRP A 28 9.50 -7.46 -13.14
N ALA A 29 8.67 -6.96 -12.22
CA ALA A 29 9.19 -6.06 -11.18
C ALA A 29 10.16 -6.79 -10.26
N VAL A 30 9.84 -8.04 -9.91
CA VAL A 30 10.71 -8.80 -9.00
C VAL A 30 12.04 -9.10 -9.67
N VAL A 31 12.01 -9.46 -10.94
CA VAL A 31 13.25 -9.70 -11.69
C VAL A 31 14.04 -8.40 -11.81
N THR A 32 13.37 -7.29 -12.04
CA THR A 32 14.07 -6.08 -12.44
C THR A 32 14.65 -5.30 -11.27
N PHE A 33 13.99 -5.27 -10.11
CA PHE A 33 14.36 -4.30 -9.10
C PHE A 33 14.79 -4.95 -7.79
N PRO A 34 15.92 -4.55 -7.23
CA PRO A 34 16.25 -4.93 -5.85
C PRO A 34 15.50 -4.07 -4.84
N ASN A 35 15.37 -4.62 -3.63
CA ASN A 35 14.72 -3.92 -2.54
C ASN A 35 13.32 -3.46 -2.93
N LEU A 36 12.53 -4.42 -3.42
CA LEU A 36 11.16 -4.19 -3.87
C LEU A 36 10.19 -4.59 -2.76
N TYR A 37 9.18 -3.76 -2.54
CA TYR A 37 8.24 -3.97 -1.44
C TYR A 37 6.84 -3.61 -1.92
N GLN A 38 5.84 -4.21 -1.28
CA GLN A 38 4.46 -3.81 -1.50
C GLN A 38 4.01 -2.93 -0.34
N THR A 39 3.58 -1.72 -0.67
CA THR A 39 3.02 -0.78 0.31
C THR A 39 1.51 -0.82 0.19
N THR A 40 0.83 -1.09 1.31
CA THR A 40 -0.61 -1.23 1.27
C THR A 40 -1.22 -0.87 2.62
N ALA A 41 -2.44 -0.34 2.56
CA ALA A 41 -3.32 -0.24 3.71
C ALA A 41 -4.38 -1.33 3.69
N PHE A 42 -4.16 -2.37 2.89
CA PHE A 42 -5.07 -3.51 2.77
C PHE A 42 -6.44 -3.09 2.26
N GLY A 43 -6.48 -2.08 1.40
CA GLY A 43 -7.65 -1.83 0.58
C GLY A 43 -7.80 -2.95 -0.45
N LEU A 44 -8.84 -2.80 -1.27
CA LEU A 44 -9.20 -3.90 -2.18
C LEU A 44 -8.11 -4.16 -3.21
N THR A 45 -7.50 -3.11 -3.76
CA THR A 45 -6.47 -3.30 -4.79
C THR A 45 -5.21 -3.92 -4.19
N GLY A 46 -4.85 -3.52 -2.97
CA GLY A 46 -3.71 -4.14 -2.31
C GLY A 46 -3.93 -5.62 -2.06
N LEU A 47 -5.17 -6.03 -1.77
CA LEU A 47 -5.44 -7.43 -1.55
C LEU A 47 -5.36 -8.23 -2.84
N VAL A 48 -5.79 -7.63 -3.95
CA VAL A 48 -5.64 -8.27 -5.25
C VAL A 48 -4.17 -8.52 -5.56
N ILE A 49 -3.34 -7.49 -5.40
CA ILE A 49 -1.91 -7.63 -5.66
C ILE A 49 -1.29 -8.64 -4.72
N LEU A 50 -1.64 -8.58 -3.42
CA LEU A 50 -1.10 -9.54 -2.46
C LEU A 50 -1.46 -10.97 -2.84
N ASP A 51 -2.71 -11.20 -3.26
CA ASP A 51 -3.12 -12.54 -3.68
C ASP A 51 -2.34 -13.00 -4.92
N MET A 52 -2.18 -12.11 -5.90
CA MET A 52 -1.37 -12.44 -7.08
C MET A 52 0.06 -12.77 -6.67
N ILE A 53 0.64 -11.97 -5.78
CA ILE A 53 2.01 -12.21 -5.33
C ILE A 53 2.10 -13.58 -4.66
N SER A 54 1.07 -13.96 -3.89
CA SER A 54 1.09 -15.23 -3.18
C SER A 54 1.19 -16.42 -4.13
N LYS A 55 0.70 -16.26 -5.36
CA LYS A 55 0.75 -17.36 -6.31
C LYS A 55 2.16 -17.58 -6.85
N THR A 56 2.99 -16.54 -6.85
CA THR A 56 4.30 -16.62 -7.48
C THR A 56 5.45 -16.41 -6.49
N LYS A 57 6.12 -15.27 -6.62
CA LYS A 57 7.34 -14.95 -5.87
C LYS A 57 7.00 -13.99 -4.75
N PRO A 58 7.17 -14.35 -3.48
CA PRO A 58 6.71 -13.46 -2.40
C PRO A 58 7.47 -12.15 -2.37
N VAL A 59 6.76 -11.09 -1.98
CA VAL A 59 7.31 -9.75 -1.85
C VAL A 59 6.93 -9.21 -0.48
N ASP A 60 7.89 -8.65 0.24
CA ASP A 60 7.63 -8.14 1.58
C ASP A 60 6.59 -7.03 1.56
N LEU A 61 5.80 -6.95 2.63
CA LEU A 61 4.77 -5.94 2.79
C LEU A 61 5.24 -4.85 3.74
N ILE A 62 4.86 -3.60 3.44
CA ILE A 62 5.03 -2.49 4.36
C ILE A 62 3.63 -1.98 4.71
N PHE A 63 3.34 -1.90 6.01
CA PHE A 63 2.03 -1.48 6.50
C PHE A 63 2.23 -0.40 7.55
N ILE A 64 1.58 0.74 7.34
CA ILE A 64 1.63 1.85 8.28
C ILE A 64 0.41 1.73 9.20
N ASP A 65 0.64 1.35 10.45
CA ASP A 65 -0.41 1.30 11.46
C ASP A 65 -0.45 2.66 12.15
N THR A 66 -1.46 3.46 11.83
CA THR A 66 -1.62 4.80 12.38
C THR A 66 -2.14 4.79 13.81
N LEU A 67 -2.46 3.60 14.35
CA LEU A 67 -3.11 3.37 15.64
C LEU A 67 -4.55 3.86 15.65
N HIS A 68 -5.06 4.39 14.53
CA HIS A 68 -6.44 4.85 14.40
C HIS A 68 -7.18 4.13 13.28
N HIS A 69 -6.73 2.93 12.94
CA HIS A 69 -7.46 2.13 11.96
C HIS A 69 -8.78 1.65 12.53
N PHE A 70 -9.72 1.36 11.64
CA PHE A 70 -10.95 0.71 12.06
C PHE A 70 -10.62 -0.62 12.75
N PRO A 71 -11.40 -1.02 13.75
CA PRO A 71 -11.26 -2.41 14.24
C PRO A 71 -11.38 -3.43 13.13
N GLN A 72 -12.26 -3.16 12.15
CA GLN A 72 -12.43 -4.08 11.03
C GLN A 72 -11.17 -4.18 10.18
N THR A 73 -10.34 -3.13 10.19
CA THR A 73 -9.08 -3.19 9.45
C THR A 73 -8.08 -4.12 10.13
N TYR A 74 -7.95 -3.98 11.46
CA TYR A 74 -7.07 -4.86 12.22
C TYR A 74 -7.52 -6.31 12.11
N ASP A 75 -8.83 -6.54 12.01
CA ASP A 75 -9.32 -7.90 11.78
C ASP A 75 -8.80 -8.46 10.47
N LEU A 76 -8.76 -7.63 9.42
CA LEU A 76 -8.30 -8.09 8.11
C LEU A 76 -6.80 -8.40 8.12
N VAL A 77 -6.02 -7.57 8.82
CA VAL A 77 -4.58 -7.85 8.95
C VAL A 77 -4.37 -9.21 9.60
N ARG A 78 -5.13 -9.49 10.67
CA ARG A 78 -5.06 -10.80 11.31
C ARG A 78 -5.43 -11.91 10.34
N LYS A 79 -6.47 -11.69 9.54
CA LYS A 79 -6.87 -12.69 8.54
C LYS A 79 -5.78 -12.88 7.49
N VAL A 80 -5.12 -11.79 7.10
CA VAL A 80 -4.08 -11.90 6.06
C VAL A 80 -2.85 -12.60 6.62
N ALA A 81 -2.50 -12.32 7.87
CA ALA A 81 -1.38 -13.01 8.51
C ALA A 81 -1.60 -14.51 8.56
N ALA A 82 -2.86 -14.95 8.65
CA ALA A 82 -3.14 -16.38 8.74
C ALA A 82 -3.18 -17.02 7.36
N ALA A 83 -3.93 -16.43 6.43
CA ALA A 83 -4.17 -17.08 5.14
C ALA A 83 -3.02 -16.89 4.16
N TYR A 84 -2.28 -15.79 4.26
CA TYR A 84 -1.20 -15.51 3.32
C TYR A 84 0.18 -15.59 3.94
N GLN A 85 0.28 -15.37 5.25
CA GLN A 85 1.52 -15.45 6.01
C GLN A 85 2.66 -14.67 5.34
N PRO A 86 2.43 -13.42 4.94
CA PRO A 86 3.49 -12.69 4.24
C PRO A 86 4.53 -12.21 5.23
N THR A 87 5.66 -11.75 4.69
CA THR A 87 6.60 -10.98 5.50
C THR A 87 6.03 -9.56 5.61
N LEU A 88 5.66 -9.17 6.82
CA LEU A 88 4.87 -7.97 7.06
C LEU A 88 5.62 -7.04 8.00
N HIS A 89 6.10 -5.92 7.47
CA HIS A 89 6.77 -4.89 8.25
C HIS A 89 5.74 -3.83 8.62
N ILE A 90 5.51 -3.66 9.92
CA ILE A 90 4.52 -2.71 10.43
C ILE A 90 5.26 -1.55 11.08
N TYR A 91 4.88 -0.34 10.71
CA TYR A 91 5.46 0.87 11.27
C TYR A 91 4.37 1.73 11.89
N LYS A 92 4.67 2.28 13.05
CA LYS A 92 3.73 3.00 13.89
C LYS A 92 4.31 4.37 14.19
N PRO A 93 3.51 5.28 14.75
CA PRO A 93 4.09 6.52 15.27
C PRO A 93 5.22 6.22 16.23
N LYS A 94 6.33 6.94 16.06
CA LYS A 94 7.54 6.64 16.80
C LYS A 94 7.30 6.72 18.30
N GLY A 95 7.53 5.61 19.00
CA GLY A 95 7.41 5.56 20.44
C GLY A 95 6.01 5.39 20.98
N VAL A 96 5.02 5.15 20.13
CA VAL A 96 3.63 4.99 20.55
C VAL A 96 3.14 3.63 20.09
N GLU A 97 2.39 2.94 20.97
CA GLU A 97 1.85 1.62 20.66
C GLU A 97 0.33 1.56 20.68
N SER A 98 -0.35 2.67 20.97
CA SER A 98 -1.81 2.61 21.04
C SER A 98 -2.41 4.00 20.86
N GLU A 99 -3.67 4.02 20.44
CA GLU A 99 -4.39 5.28 20.28
C GLU A 99 -4.47 6.06 21.59
N GLU A 100 -4.65 5.36 22.71
CA GLU A 100 -4.69 6.03 24.01
C GLU A 100 -3.34 6.67 24.33
N GLU A 101 -2.25 5.91 24.15
CA GLU A 101 -0.92 6.49 24.34
C GLU A 101 -0.70 7.67 23.41
N PHE A 102 -1.22 7.60 22.18
CA PHE A 102 -1.09 8.71 21.24
C PHE A 102 -1.79 9.96 21.75
N ALA A 103 -2.99 9.79 22.32
CA ALA A 103 -3.75 10.95 22.78
C ALA A 103 -3.11 11.60 24.00
N LYS A 104 -2.46 10.81 24.86
CA LYS A 104 -1.83 11.40 26.03
C LYS A 104 -0.54 12.14 25.66
N LYS A 105 0.18 11.63 24.65
CA LYS A 105 1.44 12.23 24.27
C LYS A 105 1.25 13.48 23.40
N HIS A 106 0.23 13.48 22.54
CA HIS A 106 0.04 14.55 21.57
C HIS A 106 -1.31 15.24 21.67
N GLY A 107 -2.12 14.90 22.67
CA GLY A 107 -3.42 15.52 22.82
C GLY A 107 -4.52 14.70 22.17
N ASP A 108 -5.76 15.00 22.57
CA ASP A 108 -6.92 14.31 22.03
C ASP A 108 -7.29 14.88 20.67
N SER A 109 -7.81 14.01 19.80
CA SER A 109 -8.32 14.39 18.48
C SER A 109 -7.36 15.31 17.75
N LEU A 110 -6.09 14.90 17.68
CA LEU A 110 -5.09 15.69 16.97
C LEU A 110 -5.44 15.84 15.49
N TRP A 111 -6.13 14.86 14.91
CA TRP A 111 -6.45 14.88 13.49
C TRP A 111 -7.36 16.06 13.10
N GLU A 112 -7.97 16.73 14.07
CA GLU A 112 -8.75 17.94 13.80
C GLU A 112 -8.15 19.19 14.42
N SER A 113 -7.42 19.05 15.53
CA SER A 113 -6.80 20.21 16.16
C SER A 113 -5.51 20.61 15.45
N ASN A 114 -4.79 19.65 14.86
CA ASN A 114 -3.58 19.95 14.09
C ASN A 114 -3.39 18.87 13.03
N ASP A 115 -4.10 19.01 11.90
CA ASP A 115 -4.10 17.96 10.89
C ASP A 115 -2.72 17.75 10.29
N ASP A 116 -1.99 18.84 10.02
CA ASP A 116 -0.64 18.73 9.47
C ASP A 116 0.26 17.88 10.37
N LEU A 117 0.13 18.07 11.69
CA LEU A 117 0.99 17.36 12.63
C LEU A 117 0.53 15.92 12.82
N TYR A 118 -0.78 15.68 12.87
CA TYR A 118 -1.29 14.31 12.90
C TYR A 118 -0.79 13.51 11.71
N ASP A 119 -0.74 14.14 10.53
CA ASP A 119 -0.34 13.43 9.32
C ASP A 119 1.13 13.10 9.33
N PHE A 120 1.97 14.00 9.85
CA PHE A 120 3.39 13.70 9.97
C PHE A 120 3.62 12.52 10.90
N LEU A 121 2.87 12.47 12.01
CA LEU A 121 3.14 11.51 13.06
C LEU A 121 2.70 10.10 12.69
N VAL A 122 1.54 9.96 12.04
CA VAL A 122 0.97 8.64 11.78
C VAL A 122 1.12 8.19 10.33
N LYS A 123 1.52 9.07 9.42
CA LYS A 123 1.67 8.70 8.02
C LYS A 123 3.04 9.05 7.47
N VAL A 124 3.45 10.32 7.49
CA VAL A 124 4.66 10.71 6.78
C VAL A 124 5.90 10.13 7.46
N GLU A 125 6.02 10.32 8.77
CA GLU A 125 7.26 9.91 9.45
C GLU A 125 7.43 8.39 9.48
N PRO A 126 6.44 7.59 9.88
CA PRO A 126 6.65 6.13 9.81
C PRO A 126 6.98 5.63 8.41
N ALA A 127 6.38 6.22 7.39
CA ALA A 127 6.64 5.78 6.02
C ALA A 127 8.07 6.07 5.61
N GLN A 128 8.58 7.25 5.96
CA GLN A 128 9.97 7.57 5.63
C GLN A 128 10.94 6.79 6.50
N ARG A 129 10.55 6.47 7.73
CA ARG A 129 11.38 5.60 8.56
C ARG A 129 11.44 4.20 7.99
N ALA A 130 10.33 3.72 7.43
CA ALA A 130 10.31 2.40 6.82
C ALA A 130 11.20 2.36 5.58
N TYR A 131 11.04 3.35 4.68
CA TYR A 131 11.80 3.36 3.44
C TYR A 131 13.30 3.43 3.70
N LYS A 132 13.70 4.12 4.77
CA LYS A 132 15.12 4.28 5.05
C LYS A 132 15.69 3.06 5.78
N GLU A 133 14.92 2.50 6.72
CA GLU A 133 15.40 1.34 7.46
C GLU A 133 15.53 0.13 6.55
N LEU A 134 14.55 -0.09 5.68
CA LEU A 134 14.55 -1.23 4.78
C LEU A 134 15.33 -0.99 3.50
N GLY A 135 15.78 0.24 3.26
CA GLY A 135 16.50 0.56 2.04
C GLY A 135 15.65 0.34 0.80
N VAL A 136 14.41 0.81 0.85
CA VAL A 136 13.47 0.59 -0.25
C VAL A 136 13.95 1.31 -1.50
N ASN A 137 13.87 0.62 -2.63
CA ASN A 137 14.15 1.19 -3.94
C ASN A 137 12.91 1.30 -4.81
N ALA A 138 12.03 0.30 -4.78
CA ALA A 138 10.81 0.29 -5.57
C ALA A 138 9.67 -0.27 -4.74
N VAL A 139 8.46 0.22 -4.99
CA VAL A 139 7.27 -0.25 -4.30
C VAL A 139 6.19 -0.58 -5.32
N LEU A 140 5.41 -1.61 -5.02
CA LEU A 140 4.19 -1.95 -5.74
C LEU A 140 3.01 -1.30 -5.03
N THR A 141 2.24 -0.50 -5.76
CA THR A 141 1.14 0.26 -5.17
C THR A 141 -0.19 -0.22 -5.72
N GLY A 142 -1.24 -0.04 -4.93
CA GLY A 142 -2.59 -0.39 -5.34
C GLY A 142 -3.37 0.78 -5.90
N ARG A 143 -2.72 1.56 -6.76
CA ARG A 143 -3.37 2.66 -7.45
C ARG A 143 -3.95 2.16 -8.76
N ARG A 144 -5.18 2.60 -9.07
CA ARG A 144 -5.91 2.07 -10.22
C ARG A 144 -6.66 3.21 -10.89
N LYS A 145 -7.55 2.84 -11.83
CA LYS A 145 -8.35 3.82 -12.54
C LYS A 145 -9.22 4.61 -11.57
N SER A 146 -9.38 5.90 -11.86
CA SER A 146 -10.22 6.76 -11.03
C SER A 146 -11.67 6.65 -11.46
N GLN A 147 -12.56 6.61 -10.49
CA GLN A 147 -14.00 6.53 -10.77
C GLN A 147 -14.49 7.78 -11.49
N ALA A 153 -4.55 8.66 -18.54
CA ALA A 153 -4.42 7.31 -18.04
C ALA A 153 -3.30 7.21 -17.01
N LEU A 154 -3.26 6.11 -16.27
CA LEU A 154 -2.28 5.95 -15.20
C LEU A 154 -1.02 5.30 -15.73
N PRO A 155 0.16 5.88 -15.49
CA PRO A 155 1.40 5.21 -15.85
C PRO A 155 1.59 3.94 -15.04
N VAL A 156 2.28 2.97 -15.64
CA VAL A 156 2.64 1.77 -14.91
C VAL A 156 3.79 2.07 -13.96
N ILE A 157 4.66 3.02 -14.32
CA ILE A 157 5.87 3.33 -13.56
C ILE A 157 5.90 4.82 -13.28
N GLU A 158 6.18 5.17 -12.03
CA GLU A 158 6.38 6.56 -11.64
C GLU A 158 7.55 6.64 -10.66
N VAL A 159 8.21 7.80 -10.65
CA VAL A 159 9.35 8.05 -9.78
C VAL A 159 8.98 9.15 -8.80
N GLU A 160 9.00 8.83 -7.50
CA GLU A 160 8.75 9.81 -6.46
C GLU A 160 9.96 10.72 -6.32
N GLU A 161 9.80 12.00 -6.65
CA GLU A 161 10.95 12.88 -6.85
C GLU A 161 11.77 13.08 -5.59
N SER A 162 11.14 12.94 -4.42
CA SER A 162 11.85 13.23 -3.17
C SER A 162 12.82 12.11 -2.82
N SER A 163 12.31 10.90 -2.65
CA SER A 163 13.13 9.77 -2.22
C SER A 163 13.79 9.04 -3.37
N GLY A 164 13.32 9.24 -4.60
CA GLY A 164 13.74 8.39 -5.69
C GLY A 164 13.09 7.03 -5.71
N ILE A 165 12.10 6.80 -4.84
CA ILE A 165 11.36 5.53 -4.86
C ILE A 165 10.68 5.38 -6.20
N ILE A 166 10.78 4.18 -6.77
CA ILE A 166 10.13 3.85 -8.03
C ILE A 166 8.81 3.16 -7.70
N LYS A 167 7.71 3.75 -8.14
CA LYS A 167 6.39 3.20 -7.89
C LYS A 167 5.92 2.42 -9.11
N ILE A 168 5.46 1.20 -8.88
CA ILE A 168 4.93 0.33 -9.93
C ILE A 168 3.46 0.10 -9.65
N ASN A 169 2.61 0.41 -10.63
CA ASN A 169 1.16 0.27 -10.45
C ASN A 169 0.64 -0.85 -11.35
N PRO A 170 0.68 -2.10 -10.90
CA PRO A 170 0.24 -3.21 -11.77
C PRO A 170 -1.23 -3.16 -12.12
N LEU A 171 -2.08 -2.66 -11.21
CA LEU A 171 -3.51 -2.51 -11.48
C LEU A 171 -3.86 -1.16 -12.07
N TRP A 172 -2.98 -0.61 -12.92
CA TRP A 172 -3.18 0.73 -13.46
C TRP A 172 -4.42 0.83 -14.34
N ASN A 173 -4.83 -0.27 -14.96
CA ASN A 173 -5.93 -0.25 -15.93
C ASN A 173 -7.20 -0.89 -15.40
N TRP A 174 -7.31 -1.10 -14.10
CA TRP A 174 -8.44 -1.78 -13.50
C TRP A 174 -9.37 -0.75 -12.85
N ASP A 175 -10.67 -0.88 -13.10
CA ASP A 175 -11.66 -0.10 -12.36
C ASP A 175 -12.12 -0.88 -11.13
N PHE A 176 -13.04 -0.29 -10.37
CA PHE A 176 -13.51 -0.93 -9.14
C PHE A 176 -14.21 -2.25 -9.43
N ALA A 177 -14.89 -2.35 -10.57
CA ALA A 177 -15.65 -3.56 -10.89
C ALA A 177 -14.73 -4.77 -11.01
N GLN A 178 -13.69 -4.67 -11.83
CA GLN A 178 -12.79 -5.80 -12.03
C GLN A 178 -12.06 -6.16 -10.75
N VAL A 179 -11.88 -5.21 -9.83
CA VAL A 179 -11.17 -5.50 -8.59
C VAL A 179 -12.03 -6.35 -7.66
N LYS A 180 -13.27 -5.91 -7.40
CA LYS A 180 -14.20 -6.74 -6.64
C LYS A 180 -14.45 -8.06 -7.33
N ALA A 181 -14.44 -8.08 -8.66
CA ALA A 181 -14.56 -9.33 -9.39
C ALA A 181 -13.47 -10.31 -8.98
N TYR A 182 -12.21 -9.86 -9.02
CA TYR A 182 -11.11 -10.74 -8.63
C TYR A 182 -11.24 -11.19 -7.18
N ILE A 183 -11.53 -10.25 -6.28
CA ILE A 183 -11.68 -10.58 -4.86
C ILE A 183 -12.68 -11.71 -4.67
N THR A 184 -13.74 -11.70 -5.47
CA THR A 184 -14.84 -12.65 -5.27
C THR A 184 -14.52 -14.02 -5.87
N GLU A 185 -13.90 -14.08 -7.06
CA GLU A 185 -13.58 -15.39 -7.63
C GLU A 185 -12.50 -16.10 -6.82
N ASN A 186 -11.50 -15.36 -6.36
CA ASN A 186 -10.37 -15.95 -5.64
C ASN A 186 -10.60 -16.01 -4.13
N ALA A 187 -11.80 -15.66 -3.66
CA ALA A 187 -12.17 -15.78 -2.26
C ALA A 187 -11.18 -15.02 -1.36
N VAL A 188 -10.75 -13.86 -1.82
CA VAL A 188 -9.76 -13.06 -1.08
C VAL A 188 -10.46 -12.38 0.09
N PRO A 189 -9.92 -12.46 1.30
CA PRO A 189 -10.52 -11.74 2.43
C PRO A 189 -10.43 -10.23 2.23
N TYR A 190 -11.47 -9.53 2.66
CA TYR A 190 -11.54 -8.10 2.48
C TYR A 190 -12.11 -7.44 3.73
N ASN A 191 -11.91 -6.13 3.82
CA ASN A 191 -12.42 -5.37 4.95
C ASN A 191 -13.94 -5.42 4.96
N GLU A 192 -14.52 -5.93 6.05
CA GLU A 192 -15.97 -6.14 6.10
C GLU A 192 -16.75 -4.83 6.17
N LEU A 193 -16.08 -3.70 6.35
CA LEU A 193 -16.75 -2.42 6.24
C LEU A 193 -17.26 -2.16 4.83
N LEU A 194 -16.68 -2.81 3.82
CA LEU A 194 -17.15 -2.63 2.45
C LEU A 194 -18.56 -3.17 2.29
N ASP A 195 -18.95 -4.17 3.09
CA ASP A 195 -20.32 -4.64 3.09
C ASP A 195 -21.32 -3.58 3.53
N LEU A 196 -20.86 -2.49 4.14
CA LEU A 196 -21.72 -1.36 4.49
C LEU A 196 -21.66 -0.25 3.45
N GLY A 197 -21.02 -0.48 2.31
CA GLY A 197 -21.00 0.50 1.24
C GLY A 197 -19.85 1.48 1.28
N TYR A 198 -18.84 1.25 2.13
CA TYR A 198 -17.65 2.10 2.11
C TYR A 198 -16.92 1.93 0.78
N LYS A 199 -16.36 3.03 0.28
CA LYS A 199 -15.52 2.98 -0.92
C LYS A 199 -14.04 2.86 -0.50
N SER A 200 -13.48 3.95 0.02
CA SER A 200 -12.15 3.94 0.59
C SER A 200 -12.24 3.77 2.10
N ILE A 201 -11.14 3.30 2.69
CA ILE A 201 -11.07 3.04 4.12
C ILE A 201 -9.78 3.62 4.67
N GLY A 202 -9.91 4.62 5.54
CA GLY A 202 -8.76 5.18 6.23
C GLY A 202 -8.92 5.05 7.72
N ASP A 203 -8.50 6.06 8.48
CA ASP A 203 -8.69 6.04 9.91
C ASP A 203 -10.17 6.11 10.24
N TRP A 204 -10.54 5.57 11.41
CA TRP A 204 -11.94 5.51 11.79
C TRP A 204 -12.59 6.89 11.86
N HIS A 205 -11.78 7.94 12.05
CA HIS A 205 -12.31 9.28 12.25
C HIS A 205 -12.30 10.13 11.00
N SER A 206 -11.69 9.66 9.91
CA SER A 206 -11.54 10.48 8.71
C SER A 206 -11.75 9.63 7.46
N THR A 207 -12.89 8.93 7.40
CA THR A 207 -13.26 8.11 6.25
C THR A 207 -14.66 8.53 5.80
N VAL A 208 -14.73 9.29 4.72
CA VAL A 208 -16.01 9.77 4.21
C VAL A 208 -16.06 9.69 2.69
#